data_2ER7
#
_entry.id   2ER7
#
_cell.length_a   43.000
_cell.length_b   75.700
_cell.length_c   42.900
_cell.angle_alpha   90.00
_cell.angle_beta   97.00
_cell.angle_gamma   90.00
#
_symmetry.space_group_name_H-M   'P 1 21 1'
#
loop_
_entity.id
_entity.type
_entity.pdbx_description
1 polymer ENDOTHIAPEPSIN
2 polymer 'TRANSITION-STATE ISOSTERE INHIBITOR OF RENIN'
3 non-polymer 'SULFATE ION'
4 water water
#
loop_
_entity_poly.entity_id
_entity_poly.type
_entity_poly.pdbx_seq_one_letter_code
_entity_poly.pdbx_strand_id
1 'polypeptide(L)'
;STGSATTTPIDSLDDAYITPVQIGTPAQTLNLDFDTGSSDLWVFSSETTASEVDGQTIYTPSKSTTAKLLSGATWSISYG
DGSSSSGDVYTDTVSVGGLTVTGQAVESAKKVSSSFTEDSTIDGLLGLAFSTLNTVSPTQQKTFFDNAKASLDSPVFTAD
LGYHAPGTYNFGFIDTTAYTGSITYTAVSTKQGFWEWTSTGYAVGSGTFKSTSIDGIADTGTTLLYLPATVVSAYWAQVS
GAKSSSSVGGYVFPCSATLPSFTFGVGSARIVIPGDYIDFGPISTGSSSCFGGIQSSAGIGINIFGDVALKAAFVVFNGA
TTPTLGFASK
;
E
2 'polypeptide(L)' (BOC)HPFH(LOV)IH I
#
loop_
_chem_comp.id
_chem_comp.type
_chem_comp.name
_chem_comp.formula
BOC non-polymer 'TERT-BUTYL HYDROGEN CARBONATE' 'C5 H10 O3'
LOV peptide-like '5-AMINO-4-HYDROXY-2-ISOPROPYL-7-METHYL-OCTANOIC ACID' 'C12 H25 N O3'
SO4 non-polymer 'SULFATE ION' 'O4 S -2'
#
# COMPACT_ATOMS: atom_id res chain seq x y z
N SER A 1 3.23 -13.06 -20.24
CA SER A 1 2.14 -12.05 -20.12
C SER A 1 2.61 -10.88 -19.27
N THR A 2 1.97 -9.72 -19.54
CA THR A 2 2.07 -8.58 -18.61
C THR A 2 0.72 -7.93 -18.36
N GLY A 3 0.72 -7.03 -17.36
CA GLY A 3 -0.46 -6.12 -17.26
C GLY A 3 0.06 -4.75 -16.80
N SER A 4 -0.83 -3.81 -17.04
CA SER A 4 -0.54 -2.41 -16.63
C SER A 4 -1.89 -1.73 -16.28
N ALA A 5 -1.96 -1.17 -15.09
CA ALA A 5 -3.23 -0.52 -14.60
C ALA A 5 -2.91 0.82 -13.99
N THR A 6 -3.79 1.77 -14.27
CA THR A 6 -3.76 3.12 -13.64
C THR A 6 -4.27 3.04 -12.23
N THR A 7 -3.45 3.56 -11.34
CA THR A 7 -3.92 3.73 -9.96
C THR A 7 -4.10 5.22 -9.67
N THR A 8 -5.19 5.53 -8.99
CA THR A 8 -5.60 6.91 -8.75
C THR A 8 -5.83 7.22 -7.26
N PRO A 9 -5.41 8.40 -6.70
CA PRO A 9 -5.70 8.70 -5.31
C PRO A 9 -7.18 8.79 -5.12
N ILE A 10 -7.63 8.41 -3.94
CA ILE A 10 -9.08 8.44 -3.63
C ILE A 10 -9.55 9.84 -3.24
N ASP A 11 -8.63 10.71 -2.87
CA ASP A 11 -8.97 12.08 -2.47
C ASP A 11 -7.79 13.02 -2.65
N SER A 12 -7.95 14.29 -2.25
CA SER A 12 -6.90 15.27 -2.74
C SER A 12 -5.73 15.20 -1.76
N LEU A 13 -5.76 14.34 -0.76
CA LEU A 13 -4.63 14.18 0.19
C LEU A 13 -3.77 12.98 -0.23
N ASP A 14 -4.06 12.19 -1.24
CA ASP A 14 -3.39 10.88 -1.51
C ASP A 14 -3.51 10.00 -0.28
N ASP A 15 -4.63 9.91 0.41
CA ASP A 15 -4.70 9.03 1.57
C ASP A 15 -4.52 7.56 1.18
N ALA A 16 -5.02 7.27 -0.04
CA ALA A 16 -4.83 5.90 -0.56
C ALA A 16 -5.11 5.91 -2.06
N TYR A 17 -4.82 4.85 -2.74
CA TYR A 17 -4.93 4.73 -4.18
C TYR A 17 -5.77 3.48 -4.51
N ILE A 18 -6.63 3.72 -5.54
CA ILE A 18 -7.44 2.58 -5.99
C ILE A 18 -7.06 2.24 -7.44
N THR A 19 -7.22 0.96 -7.75
CA THR A 19 -6.90 0.42 -9.09
C THR A 19 -8.03 -0.48 -9.55
N PRO A 20 -8.66 -0.25 -10.73
CA PRO A 20 -9.73 -1.12 -11.13
C PRO A 20 -9.26 -2.53 -11.37
N VAL A 21 -10.07 -3.48 -10.88
CA VAL A 21 -9.81 -4.89 -11.16
C VAL A 21 -11.13 -5.56 -11.57
N GLN A 22 -11.00 -6.37 -12.61
CA GLN A 22 -12.13 -7.08 -13.20
C GLN A 22 -12.23 -8.48 -12.62
N ILE A 23 -13.36 -8.72 -12.10
CA ILE A 23 -13.54 -10.02 -11.44
C ILE A 23 -14.75 -10.76 -12.02
N GLY A 24 -14.54 -12.01 -12.37
CA GLY A 24 -15.63 -12.88 -12.84
C GLY A 24 -15.88 -12.74 -14.36
N THR A 25 -16.91 -13.46 -14.78
CA THR A 25 -17.34 -13.55 -16.19
C THR A 25 -18.89 -13.44 -16.32
N PRO A 26 -19.44 -12.39 -17.00
CA PRO A 26 -18.62 -11.32 -17.53
C PRO A 26 -17.96 -10.62 -16.40
N ALA A 27 -17.02 -9.78 -16.75
CA ALA A 27 -16.25 -9.04 -15.75
C ALA A 27 -17.09 -7.99 -15.01
N GLN A 28 -16.86 -8.00 -13.71
CA GLN A 28 -17.41 -7.04 -12.75
C GLN A 28 -16.28 -6.17 -12.25
N THR A 29 -16.30 -4.90 -12.55
CA THR A 29 -15.14 -4.04 -12.20
C THR A 29 -15.33 -3.40 -10.84
N LEU A 30 -14.30 -3.65 -10.01
CA LEU A 30 -14.35 -3.07 -8.63
C LEU A 30 -13.04 -2.27 -8.43
N ASN A 31 -13.13 -1.24 -7.61
CA ASN A 31 -11.85 -0.46 -7.44
C ASN A 31 -11.20 -0.95 -6.14
N LEU A 32 -10.02 -1.60 -6.24
CA LEU A 32 -9.43 -2.16 -5.00
C LEU A 32 -8.21 -1.33 -4.57
N ASP A 33 -7.99 -1.34 -3.26
CA ASP A 33 -6.74 -0.71 -2.76
C ASP A 33 -5.65 -1.80 -2.77
N PHE A 34 -4.67 -1.69 -3.63
CA PHE A 34 -3.55 -2.62 -3.67
C PHE A 34 -2.65 -2.46 -2.46
N ASP A 35 -2.45 -3.43 -1.63
CA ASP A 35 -1.89 -3.31 -0.28
C ASP A 35 -0.68 -4.22 -0.12
N THR A 36 0.55 -3.75 -0.23
CA THR A 36 1.69 -4.65 -0.11
C THR A 36 1.91 -5.02 1.37
N GLY A 37 1.11 -4.48 2.30
CA GLY A 37 1.19 -4.84 3.72
C GLY A 37 0.26 -5.99 4.08
N SER A 38 -0.46 -6.63 3.18
CA SER A 38 -1.30 -7.83 3.55
C SER A 38 -1.42 -8.72 2.34
N SER A 39 -2.05 -9.87 2.53
CA SER A 39 -1.99 -10.88 1.47
C SER A 39 -3.43 -11.40 1.22
N ASP A 40 -4.54 -10.72 1.48
CA ASP A 40 -5.91 -11.12 1.15
C ASP A 40 -6.48 -10.24 0.04
N LEU A 41 -7.10 -10.92 -0.89
CA LEU A 41 -7.90 -10.19 -1.91
C LEU A 41 -9.38 -10.34 -1.43
N TRP A 42 -9.87 -9.26 -0.90
CA TRP A 42 -11.28 -9.39 -0.41
C TRP A 42 -12.09 -8.22 -0.96
N VAL A 43 -13.37 -8.50 -1.08
CA VAL A 43 -14.25 -7.49 -1.74
C VAL A 43 -15.55 -7.36 -0.97
N PHE A 44 -16.17 -6.21 -0.99
CA PHE A 44 -17.64 -6.13 -0.69
C PHE A 44 -18.41 -6.99 -1.71
N SER A 45 -19.51 -7.60 -1.29
CA SER A 45 -20.20 -8.59 -2.12
C SER A 45 -21.69 -8.53 -1.80
N SER A 46 -22.34 -9.35 -2.63
CA SER A 46 -23.77 -9.56 -2.38
C SER A 46 -24.02 -10.24 -1.06
N GLU A 47 -23.01 -10.82 -0.41
CA GLU A 47 -23.08 -11.47 0.87
C GLU A 47 -22.90 -10.56 2.06
N THR A 48 -22.42 -9.32 1.78
CA THR A 48 -22.10 -8.41 2.89
C THR A 48 -23.40 -7.88 3.51
N THR A 49 -23.47 -7.91 4.85
CA THR A 49 -24.71 -7.45 5.53
C THR A 49 -25.01 -6.03 5.04
N ALA A 50 -26.23 -5.91 4.61
CA ALA A 50 -26.76 -4.72 3.95
C ALA A 50 -26.45 -3.40 4.64
N SER A 51 -26.66 -3.34 5.93
CA SER A 51 -26.48 -2.07 6.65
C SER A 51 -24.99 -1.67 6.74
N GLU A 52 -24.14 -2.52 6.21
CA GLU A 52 -22.68 -2.29 6.28
C GLU A 52 -22.09 -1.95 4.90
N VAL A 53 -22.99 -1.71 3.97
CA VAL A 53 -22.67 -1.33 2.58
C VAL A 53 -23.24 0.13 2.38
N ASP A 54 -22.28 1.12 2.13
CA ASP A 54 -22.52 2.64 2.01
C ASP A 54 -21.71 3.27 0.79
N GLY A 55 -22.23 2.93 -0.43
CA GLY A 55 -21.78 3.49 -1.75
C GLY A 55 -20.90 2.54 -2.62
N GLN A 56 -20.30 1.55 -2.02
CA GLN A 56 -19.36 0.65 -2.74
C GLN A 56 -20.06 -0.22 -3.79
N THR A 57 -19.22 -0.65 -4.73
CA THR A 57 -19.62 -1.58 -5.79
C THR A 57 -19.35 -2.99 -5.27
N ILE A 58 -20.36 -3.82 -5.32
CA ILE A 58 -20.26 -5.20 -4.80
C ILE A 58 -20.08 -6.20 -5.94
N TYR A 59 -19.31 -7.23 -5.55
CA TYR A 59 -19.21 -8.46 -6.42
C TYR A 59 -20.35 -9.41 -6.06
N THR A 60 -20.92 -9.88 -7.15
CA THR A 60 -22.02 -10.85 -6.98
C THR A 60 -21.63 -12.13 -7.78
N PRO A 61 -21.29 -13.06 -6.73
CA PRO A 61 -20.75 -14.27 -7.35
C PRO A 61 -21.75 -15.08 -8.12
N SER A 62 -23.04 -14.93 -7.83
CA SER A 62 -23.98 -15.79 -8.56
C SER A 62 -24.17 -15.30 -9.98
N LYS A 63 -23.63 -14.16 -10.36
CA LYS A 63 -23.75 -13.57 -11.70
C LYS A 63 -22.49 -13.85 -12.53
N SER A 64 -21.51 -14.47 -11.89
CA SER A 64 -20.25 -14.85 -12.57
C SER A 64 -20.29 -16.33 -12.89
N THR A 65 -20.18 -16.65 -14.17
CA THR A 65 -20.26 -18.05 -14.61
C THR A 65 -19.01 -18.83 -14.24
N THR A 66 -17.95 -18.14 -13.89
CA THR A 66 -16.68 -18.81 -13.57
C THR A 66 -16.42 -18.91 -12.05
N ALA A 67 -17.32 -18.39 -11.25
CA ALA A 67 -17.13 -18.42 -9.79
C ALA A 67 -17.42 -19.81 -9.23
N LYS A 68 -16.57 -20.22 -8.30
CA LYS A 68 -16.77 -21.49 -7.59
C LYS A 68 -16.55 -21.26 -6.10
N LEU A 69 -17.48 -21.74 -5.32
CA LEU A 69 -17.42 -21.66 -3.85
C LEU A 69 -16.23 -22.49 -3.38
N LEU A 70 -15.29 -22.03 -2.58
CA LEU A 70 -14.26 -22.94 -2.00
C LEU A 70 -14.83 -23.46 -0.66
N SER A 71 -15.20 -24.76 -0.75
CA SER A 71 -16.07 -25.35 0.27
C SER A 71 -15.33 -25.37 1.62
N GLY A 72 -16.01 -24.89 2.64
CA GLY A 72 -15.32 -25.13 3.93
C GLY A 72 -14.40 -23.97 4.28
N ALA A 73 -14.07 -23.02 3.43
CA ALA A 73 -12.97 -22.09 3.71
C ALA A 73 -13.51 -20.74 4.23
N THR A 74 -12.89 -20.19 5.21
CA THR A 74 -13.43 -18.92 5.75
C THR A 74 -12.18 -18.02 5.97
N TRP A 75 -12.39 -16.77 6.22
CA TRP A 75 -11.24 -15.86 6.45
C TRP A 75 -11.66 -14.76 7.42
N SER A 76 -10.66 -14.24 8.10
CA SER A 76 -10.91 -13.14 9.03
C SER A 76 -9.59 -12.36 9.16
N ILE A 77 -9.70 -11.05 8.99
CA ILE A 77 -8.47 -10.24 9.01
C ILE A 77 -8.71 -8.96 9.81
N SER A 78 -7.72 -8.50 10.50
CA SER A 78 -7.67 -7.19 11.11
C SER A 78 -6.37 -6.49 10.69
N TYR A 79 -6.52 -5.18 10.65
CA TYR A 79 -5.37 -4.34 10.14
C TYR A 79 -4.93 -3.43 11.29
N GLY A 80 -3.80 -2.83 11.00
CA GLY A 80 -3.11 -1.96 11.95
C GLY A 80 -3.91 -0.81 12.53
N ASP A 81 -4.79 -0.27 11.76
CA ASP A 81 -5.75 0.75 12.16
C ASP A 81 -6.89 0.21 12.96
N GLY A 82 -6.99 -1.08 13.23
CA GLY A 82 -8.15 -1.58 14.04
C GLY A 82 -9.28 -2.06 13.13
N SER A 83 -9.25 -1.89 11.85
CA SER A 83 -10.42 -2.28 11.05
C SER A 83 -10.34 -3.77 10.73
N SER A 84 -11.50 -4.28 10.31
CA SER A 84 -11.50 -5.75 10.18
C SER A 84 -12.62 -6.12 9.20
N SER A 85 -12.49 -7.35 8.72
CA SER A 85 -13.64 -7.93 7.95
C SER A 85 -13.48 -9.46 7.96
N SER A 86 -14.50 -10.17 7.53
CA SER A 86 -14.43 -11.65 7.49
C SER A 86 -15.48 -12.15 6.48
N GLY A 87 -15.33 -13.39 6.06
CA GLY A 87 -16.48 -13.97 5.28
C GLY A 87 -16.04 -15.31 4.73
N ASP A 88 -16.42 -15.64 3.52
CA ASP A 88 -16.15 -16.94 2.91
C ASP A 88 -15.43 -16.78 1.60
N VAL A 89 -15.24 -17.79 0.77
CA VAL A 89 -14.25 -17.66 -0.29
C VAL A 89 -14.71 -18.31 -1.59
N TYR A 90 -14.54 -17.58 -2.65
CA TYR A 90 -14.81 -18.13 -4.01
C TYR A 90 -13.48 -18.16 -4.77
N THR A 91 -13.38 -19.02 -5.77
CA THR A 91 -12.34 -18.76 -6.78
C THR A 91 -12.99 -18.21 -8.04
N ASP A 92 -12.27 -17.36 -8.75
CA ASP A 92 -12.83 -16.79 -9.98
C ASP A 92 -11.72 -16.22 -10.83
N THR A 93 -12.07 -15.85 -12.05
CA THR A 93 -11.00 -15.22 -12.91
C THR A 93 -10.89 -13.75 -12.44
N VAL A 94 -9.64 -13.36 -12.32
CA VAL A 94 -9.42 -11.93 -11.95
C VAL A 94 -8.37 -11.35 -12.89
N SER A 95 -8.70 -10.22 -13.46
CA SER A 95 -7.79 -9.54 -14.42
C SER A 95 -7.41 -8.16 -13.85
N VAL A 96 -6.14 -7.85 -13.92
CA VAL A 96 -5.60 -6.51 -13.68
C VAL A 96 -4.79 -6.00 -14.85
N GLY A 97 -5.40 -4.98 -15.46
CA GLY A 97 -4.67 -4.29 -16.53
C GLY A 97 -4.33 -5.18 -17.73
N GLY A 98 -5.21 -6.10 -17.97
CA GLY A 98 -5.14 -7.08 -19.07
C GLY A 98 -4.45 -8.39 -18.68
N LEU A 99 -3.89 -8.48 -17.49
CA LEU A 99 -3.28 -9.74 -17.04
C LEU A 99 -4.33 -10.57 -16.30
N THR A 100 -4.60 -11.77 -16.77
CA THR A 100 -5.74 -12.54 -16.18
C THR A 100 -5.12 -13.77 -15.47
N VAL A 101 -5.70 -13.92 -14.32
CA VAL A 101 -5.41 -15.13 -13.54
C VAL A 101 -6.68 -15.95 -13.39
N THR A 102 -6.62 -17.24 -13.74
CA THR A 102 -7.82 -18.04 -13.42
C THR A 102 -7.63 -18.70 -12.04
N GLY A 103 -8.71 -19.09 -11.41
CA GLY A 103 -8.76 -19.71 -10.09
C GLY A 103 -8.17 -18.92 -8.93
N GLN A 104 -8.26 -17.60 -9.02
CA GLN A 104 -7.80 -16.70 -7.91
C GLN A 104 -8.81 -16.73 -6.78
N ALA A 105 -8.31 -16.87 -5.53
CA ALA A 105 -9.31 -16.82 -4.42
C ALA A 105 -9.72 -15.37 -4.19
N VAL A 106 -11.04 -15.20 -4.30
CA VAL A 106 -11.74 -13.94 -4.04
C VAL A 106 -12.53 -14.08 -2.77
N GLU A 107 -12.00 -13.32 -1.79
CA GLU A 107 -12.60 -13.43 -0.46
C GLU A 107 -13.81 -12.54 -0.35
N SER A 108 -14.97 -13.16 -0.14
CA SER A 108 -16.25 -12.42 -0.13
C SER A 108 -16.60 -11.99 1.27
N ALA A 109 -16.75 -10.71 1.57
CA ALA A 109 -16.99 -10.16 2.92
C ALA A 109 -18.41 -10.42 3.33
N LYS A 110 -18.58 -11.12 4.44
CA LYS A 110 -19.96 -11.16 5.02
C LYS A 110 -20.15 -9.95 5.95
N LYS A 111 -19.09 -9.45 6.56
CA LYS A 111 -19.15 -8.31 7.48
C LYS A 111 -17.88 -7.46 7.29
N VAL A 112 -18.02 -6.16 7.46
CA VAL A 112 -16.88 -5.25 7.39
C VAL A 112 -17.06 -4.20 8.53
N SER A 113 -15.91 -3.72 8.94
CA SER A 113 -15.93 -2.75 10.04
C SER A 113 -16.36 -1.39 9.50
N SER A 114 -16.71 -0.52 10.43
CA SER A 114 -17.23 0.84 10.23
C SER A 114 -16.32 1.64 9.33
N SER A 115 -15.00 1.47 9.48
CA SER A 115 -14.18 2.30 8.61
C SER A 115 -14.28 1.95 7.16
N PHE A 116 -14.52 0.69 6.82
CA PHE A 116 -14.69 0.29 5.41
C PHE A 116 -16.03 0.72 4.90
N THR A 117 -17.07 0.65 5.72
CA THR A 117 -18.46 1.04 5.27
C THR A 117 -18.38 2.56 4.94
N GLU A 118 -17.64 3.34 5.71
CA GLU A 118 -17.57 4.83 5.50
C GLU A 118 -16.65 5.14 4.33
N ASP A 119 -15.89 4.22 3.79
CA ASP A 119 -14.94 4.61 2.69
C ASP A 119 -15.64 4.36 1.36
N SER A 120 -16.37 5.26 0.72
CA SER A 120 -17.21 4.88 -0.37
C SER A 120 -16.42 4.53 -1.61
N THR A 121 -15.13 4.90 -1.63
CA THR A 121 -14.38 4.79 -2.90
C THR A 121 -13.65 3.46 -2.98
N ILE A 122 -13.60 2.67 -1.95
CA ILE A 122 -12.75 1.45 -1.90
C ILE A 122 -13.70 0.25 -1.77
N ASP A 123 -13.60 -0.62 -2.80
CA ASP A 123 -14.53 -1.74 -2.92
C ASP A 123 -13.92 -3.00 -2.32
N GLY A 124 -12.71 -2.90 -1.83
CA GLY A 124 -12.07 -4.13 -1.30
C GLY A 124 -10.57 -3.89 -1.40
N LEU A 125 -9.80 -4.89 -1.04
CA LEU A 125 -8.31 -4.78 -1.00
C LEU A 125 -7.73 -5.95 -1.83
N LEU A 126 -6.57 -5.65 -2.42
CA LEU A 126 -5.79 -6.67 -3.15
C LEU A 126 -4.42 -6.78 -2.49
N GLY A 127 -4.23 -7.91 -1.81
CA GLY A 127 -3.05 -8.04 -0.93
C GLY A 127 -1.85 -8.49 -1.77
N LEU A 128 -0.69 -7.82 -1.57
CA LEU A 128 0.45 -8.22 -2.47
C LEU A 128 1.70 -8.47 -1.54
N ALA A 129 1.61 -8.73 -0.27
CA ALA A 129 2.67 -9.30 0.58
C ALA A 129 2.83 -10.78 0.29
N PHE A 130 3.60 -11.47 1.12
CA PHE A 130 3.85 -12.91 0.85
C PHE A 130 2.67 -13.75 1.32
N SER A 131 2.52 -14.88 0.59
CA SER A 131 1.21 -15.58 0.83
C SER A 131 1.17 -16.23 2.18
N THR A 132 2.26 -16.37 2.92
CA THR A 132 2.20 -16.78 4.31
C THR A 132 1.34 -15.94 5.19
N LEU A 133 0.96 -14.70 4.85
CA LEU A 133 0.14 -13.85 5.74
C LEU A 133 -1.35 -14.07 5.35
N ASN A 134 -1.66 -14.88 4.32
CA ASN A 134 -3.09 -14.92 3.85
C ASN A 134 -3.96 -15.48 4.98
N THR A 135 -5.30 -14.97 5.10
CA THR A 135 -5.90 -15.43 6.36
C THR A 135 -6.93 -16.53 6.11
N VAL A 136 -6.97 -17.05 4.91
CA VAL A 136 -7.95 -18.11 4.62
C VAL A 136 -7.54 -19.39 5.36
N SER A 137 -8.55 -20.04 5.89
CA SER A 137 -8.39 -21.29 6.65
C SER A 137 -9.33 -22.35 6.02
N PRO A 138 -9.11 -23.67 6.17
CA PRO A 138 -7.91 -24.21 6.81
C PRO A 138 -6.66 -24.10 5.95
N THR A 139 -6.81 -23.94 4.63
CA THR A 139 -5.63 -23.84 3.71
C THR A 139 -5.51 -22.42 3.16
N GLN A 140 -4.36 -21.80 3.38
CA GLN A 140 -4.12 -20.42 2.91
C GLN A 140 -4.10 -20.39 1.38
N GLN A 141 -4.47 -19.24 0.86
CA GLN A 141 -4.56 -19.02 -0.59
C GLN A 141 -3.45 -18.07 -1.06
N LYS A 142 -3.09 -18.28 -2.34
CA LYS A 142 -1.96 -17.47 -2.89
C LYS A 142 -2.52 -16.08 -3.27
N THR A 143 -1.61 -15.12 -3.22
CA THR A 143 -2.00 -13.77 -3.68
C THR A 143 -2.06 -13.78 -5.22
N PHE A 144 -2.63 -12.68 -5.75
CA PHE A 144 -2.77 -12.56 -7.24
C PHE A 144 -1.36 -12.55 -7.84
N PHE A 145 -0.38 -11.95 -7.16
CA PHE A 145 0.99 -11.95 -7.72
C PHE A 145 1.52 -13.38 -7.79
N ASP A 146 1.35 -14.17 -6.75
CA ASP A 146 1.95 -15.53 -6.72
C ASP A 146 1.31 -16.37 -7.82
N ASN A 147 0.02 -16.12 -8.02
CA ASN A 147 -0.63 -16.94 -9.03
C ASN A 147 -0.24 -16.52 -10.45
N ALA A 148 0.17 -15.28 -10.58
CA ALA A 148 0.50 -14.76 -11.92
C ALA A 148 1.90 -15.17 -12.30
N LYS A 149 2.76 -15.47 -11.33
CA LYS A 149 4.21 -15.48 -11.64
C LYS A 149 4.51 -16.54 -12.73
N ALA A 150 3.84 -17.66 -12.80
CA ALA A 150 4.11 -18.66 -13.89
C ALA A 150 3.94 -18.07 -15.27
N SER A 151 3.03 -17.17 -15.54
CA SER A 151 2.73 -16.57 -16.83
C SER A 151 3.44 -15.24 -17.03
N LEU A 152 3.94 -14.57 -16.02
CA LEU A 152 4.58 -13.23 -16.20
C LEU A 152 5.87 -13.30 -16.97
N ASP A 153 6.17 -12.32 -17.81
CA ASP A 153 7.41 -12.30 -18.60
C ASP A 153 8.63 -12.27 -17.67
N SER A 154 8.41 -11.65 -16.51
CA SER A 154 9.43 -11.51 -15.44
C SER A 154 8.71 -11.50 -14.08
N PRO A 155 9.18 -12.21 -13.03
CA PRO A 155 8.42 -12.27 -11.77
C PRO A 155 8.52 -11.00 -11.01
N VAL A 156 7.87 -9.97 -11.45
CA VAL A 156 8.09 -8.66 -10.86
C VAL A 156 6.83 -7.81 -11.04
N PHE A 157 6.64 -6.86 -10.15
CA PHE A 157 5.55 -5.86 -10.30
C PHE A 157 6.02 -4.55 -9.68
N THR A 158 5.67 -3.48 -10.40
CA THR A 158 6.30 -2.19 -10.01
C THR A 158 5.22 -1.25 -9.53
N ALA A 159 5.61 -0.41 -8.63
CA ALA A 159 4.59 0.60 -8.19
C ALA A 159 5.16 1.99 -8.50
N ASP A 160 4.37 2.73 -9.23
CA ASP A 160 4.75 4.12 -9.63
C ASP A 160 3.59 5.04 -9.21
N LEU A 161 3.58 5.45 -7.94
CA LEU A 161 2.42 6.17 -7.34
C LEU A 161 2.64 7.68 -7.56
N GLY A 162 1.52 8.32 -7.85
CA GLY A 162 1.78 9.72 -8.19
C GLY A 162 1.52 10.59 -6.98
N TYR A 163 2.09 11.79 -7.10
CA TYR A 163 1.80 12.81 -6.04
C TYR A 163 0.65 13.68 -6.48
N HIS A 164 -0.53 13.56 -5.83
CA HIS A 164 -1.76 14.23 -6.25
C HIS A 164 -2.06 14.00 -7.71
N ALA A 165 -1.96 12.88 -8.26
CA ALA A 165 -1.96 12.54 -9.69
C ALA A 165 -2.02 11.01 -9.86
N PRO A 166 -2.56 10.45 -10.97
CA PRO A 166 -2.58 9.02 -11.13
C PRO A 166 -1.18 8.49 -11.25
N GLY A 167 -1.10 7.19 -11.12
CA GLY A 167 0.15 6.43 -11.26
C GLY A 167 -0.15 5.13 -11.98
N THR A 168 0.77 4.19 -11.85
CA THR A 168 0.64 2.90 -12.53
C THR A 168 1.20 1.76 -11.70
N TYR A 169 0.54 0.64 -11.85
CA TYR A 169 0.99 -0.64 -11.27
C TYR A 169 1.25 -1.59 -12.42
N ASN A 170 2.44 -2.00 -12.66
CA ASN A 170 2.75 -2.88 -13.80
C ASN A 170 3.17 -4.26 -13.21
N PHE A 171 2.80 -5.20 -14.05
CA PHE A 171 3.11 -6.59 -13.63
C PHE A 171 3.85 -7.25 -14.83
N GLY A 172 5.01 -7.74 -14.47
CA GLY A 172 5.70 -8.63 -15.43
C GLY A 172 6.83 -7.98 -16.24
N PHE A 173 7.11 -6.70 -16.07
CA PHE A 173 8.05 -5.89 -16.89
C PHE A 173 8.36 -4.59 -16.12
N ILE A 174 9.55 -4.13 -16.50
CA ILE A 174 10.03 -2.88 -15.88
C ILE A 174 9.99 -1.77 -16.94
N ASP A 175 9.23 -0.72 -16.68
CA ASP A 175 9.15 0.34 -17.73
C ASP A 175 10.33 1.29 -17.61
N THR A 176 11.34 1.13 -18.53
CA THR A 176 12.54 1.96 -18.34
C THR A 176 12.29 3.41 -18.64
N THR A 177 11.22 3.87 -19.25
CA THR A 177 10.84 5.28 -19.37
C THR A 177 10.32 5.89 -18.11
N ALA A 178 10.05 5.07 -17.11
CA ALA A 178 9.28 5.58 -15.95
C ALA A 178 10.22 6.06 -14.85
N TYR A 179 11.52 5.89 -14.90
CA TYR A 179 12.38 6.39 -13.81
C TYR A 179 13.66 6.96 -14.43
N THR A 180 14.47 7.56 -13.61
CA THR A 180 15.73 8.14 -14.10
C THR A 180 16.90 7.45 -13.40
N GLY A 181 18.07 7.35 -13.96
CA GLY A 181 19.26 6.70 -13.35
C GLY A 181 19.01 5.19 -13.45
N SER A 182 19.52 4.57 -12.41
CA SER A 182 19.35 3.09 -12.39
C SER A 182 18.66 2.66 -11.11
N ILE A 183 18.17 1.41 -11.21
CA ILE A 183 17.44 0.95 -9.97
C ILE A 183 18.44 0.39 -9.00
N THR A 184 18.42 0.66 -7.72
CA THR A 184 19.26 -0.07 -6.76
C THR A 184 18.40 -1.09 -6.02
N TYR A 185 18.93 -2.31 -6.02
CA TYR A 185 18.12 -3.37 -5.33
C TYR A 185 18.80 -3.62 -3.96
N THR A 186 17.86 -3.99 -3.08
CA THR A 186 18.26 -4.33 -1.70
C THR A 186 17.56 -5.59 -1.24
N ALA A 187 18.21 -6.27 -0.31
CA ALA A 187 17.66 -7.57 0.11
C ALA A 187 16.37 -7.43 0.90
N VAL A 188 15.48 -8.45 0.66
CA VAL A 188 14.20 -8.50 1.47
C VAL A 188 14.26 -9.67 2.40
N SER A 189 13.76 -9.42 3.61
CA SER A 189 13.60 -10.56 4.55
C SER A 189 12.12 -10.99 4.51
N THR A 190 11.83 -12.27 4.32
CA THR A 190 10.37 -12.60 4.28
C THR A 190 10.00 -13.23 5.63
N LYS A 191 10.81 -13.16 6.69
CA LYS A 191 10.59 -13.92 7.92
C LYS A 191 9.24 -13.50 8.55
N GLN A 192 8.78 -12.27 8.39
CA GLN A 192 7.51 -11.83 8.93
C GLN A 192 6.43 -11.77 7.84
N GLY A 193 6.76 -12.19 6.64
CA GLY A 193 5.75 -12.20 5.56
C GLY A 193 5.59 -10.91 4.80
N PHE A 194 6.40 -9.92 5.11
CA PHE A 194 6.32 -8.58 4.59
C PHE A 194 7.45 -8.33 3.59
N TRP A 195 7.29 -7.31 2.73
CA TRP A 195 8.38 -6.76 1.93
C TRP A 195 9.27 -5.91 2.87
N GLU A 196 10.09 -6.63 3.66
CA GLU A 196 10.84 -6.05 4.79
C GLU A 196 12.31 -5.86 4.35
N TRP A 197 12.89 -4.68 4.54
CA TRP A 197 14.23 -4.36 4.06
C TRP A 197 14.89 -3.41 5.05
N THR A 198 16.20 -3.16 4.85
CA THR A 198 16.89 -2.31 5.80
C THR A 198 17.47 -1.07 5.10
N SER A 199 16.92 0.09 5.49
CA SER A 199 17.51 1.28 4.83
C SER A 199 18.89 1.56 5.45
N THR A 200 19.82 2.09 4.66
CA THR A 200 21.21 2.34 5.18
C THR A 200 21.31 3.70 5.87
N GLY A 201 20.37 4.58 5.94
CA GLY A 201 20.43 5.82 6.72
C GLY A 201 19.52 6.92 6.20
N TYR A 202 19.77 8.14 6.69
CA TYR A 202 18.91 9.24 6.30
C TYR A 202 19.60 10.58 6.38
N ALA A 203 19.08 11.54 5.66
CA ALA A 203 19.50 12.93 5.88
C ALA A 203 18.30 13.86 5.87
N VAL A 204 18.42 14.99 6.54
CA VAL A 204 17.31 15.99 6.48
C VAL A 204 17.80 17.21 5.71
N GLY A 205 17.03 17.59 4.70
CA GLY A 205 17.35 18.79 3.90
C GLY A 205 18.77 18.61 3.31
N SER A 206 19.47 19.75 3.47
CA SER A 206 20.83 19.75 2.85
C SER A 206 21.85 19.44 3.95
N GLY A 207 21.49 18.78 5.01
CA GLY A 207 22.40 18.25 6.05
C GLY A 207 23.11 16.94 5.73
N THR A 208 23.90 16.43 6.71
CA THR A 208 24.62 15.18 6.59
C THR A 208 23.72 13.96 6.62
N PHE A 209 24.17 13.00 5.80
CA PHE A 209 23.59 11.63 5.79
C PHE A 209 24.15 10.87 6.96
N LYS A 210 23.31 10.27 7.80
CA LYS A 210 23.77 9.53 8.99
C LYS A 210 23.62 8.05 8.68
N SER A 211 24.69 7.30 8.76
CA SER A 211 24.44 5.84 8.43
C SER A 211 23.87 5.25 9.71
N THR A 212 22.64 4.82 9.57
CA THR A 212 22.14 4.02 10.76
C THR A 212 21.08 3.07 10.16
N SER A 213 20.97 1.86 10.65
CA SER A 213 20.18 0.84 9.91
C SER A 213 18.71 1.06 10.31
N ILE A 214 17.79 1.18 9.38
CA ILE A 214 16.36 1.27 9.68
C ILE A 214 15.63 0.11 8.99
N ASP A 215 15.29 -0.86 9.80
CA ASP A 215 14.50 -1.98 9.22
C ASP A 215 13.04 -1.50 9.10
N GLY A 216 12.45 -1.65 7.91
CA GLY A 216 11.04 -1.24 7.81
C GLY A 216 10.42 -2.10 6.73
N ILE A 217 9.13 -1.84 6.48
CA ILE A 217 8.43 -2.54 5.37
C ILE A 217 7.91 -1.53 4.35
N ALA A 218 7.91 -2.01 3.13
CA ALA A 218 7.29 -1.17 2.09
C ALA A 218 5.80 -1.54 2.02
N ASP A 219 4.96 -0.52 2.36
CA ASP A 219 3.53 -0.83 2.42
C ASP A 219 2.76 0.24 1.63
N THR A 220 2.32 -0.14 0.45
CA THR A 220 1.49 0.76 -0.36
C THR A 220 0.19 1.10 0.35
N GLY A 221 -0.27 0.33 1.31
CA GLY A 221 -1.60 0.56 1.90
C GLY A 221 -1.49 1.36 3.18
N THR A 222 -0.31 1.89 3.53
CA THR A 222 -0.19 2.85 4.67
C THR A 222 0.15 4.21 4.04
N THR A 223 -0.56 5.27 4.47
CA THR A 223 -0.38 6.59 3.88
C THR A 223 0.97 7.20 4.17
N LEU A 224 1.41 7.18 5.41
CA LEU A 224 2.44 8.10 5.88
C LEU A 224 3.77 7.37 5.99
N LEU A 225 4.83 8.10 6.29
CA LEU A 225 6.14 7.44 6.53
C LEU A 225 6.40 7.47 8.06
N TYR A 226 6.47 6.26 8.64
CA TYR A 226 6.65 6.06 10.08
C TYR A 226 8.06 5.55 10.33
N LEU A 227 8.81 6.38 11.03
CA LEU A 227 10.22 6.14 11.31
C LEU A 227 10.51 6.23 12.81
N PRO A 228 11.67 5.69 13.30
CA PRO A 228 11.98 5.77 14.71
C PRO A 228 11.92 7.20 15.22
N ALA A 229 11.49 7.29 16.46
CA ALA A 229 11.24 8.57 17.16
C ALA A 229 12.41 9.55 17.06
N THR A 230 13.62 9.10 17.30
CA THR A 230 14.77 10.02 17.26
C THR A 230 15.06 10.44 15.81
N VAL A 231 14.71 9.68 14.80
CA VAL A 231 14.89 10.16 13.42
C VAL A 231 13.84 11.20 13.08
N VAL A 232 12.59 10.90 13.50
CA VAL A 232 11.50 11.88 13.22
C VAL A 232 11.71 13.14 14.02
N SER A 233 12.16 13.08 15.26
CA SER A 233 12.51 14.29 15.99
C SER A 233 13.60 15.07 15.30
N ALA A 234 14.60 14.47 14.73
CA ALA A 234 15.66 15.20 13.99
C ALA A 234 15.07 15.94 12.81
N TYR A 235 14.08 15.39 12.15
CA TYR A 235 13.43 16.04 10.98
C TYR A 235 12.69 17.29 11.43
N TRP A 236 11.79 17.15 12.40
CA TRP A 236 10.90 18.29 12.75
C TRP A 236 11.65 19.36 13.46
N ALA A 237 12.81 19.02 14.02
CA ALA A 237 13.67 20.06 14.69
C ALA A 237 14.08 21.10 13.64
N GLN A 238 14.09 20.82 12.34
CA GLN A 238 14.44 21.75 11.26
C GLN A 238 13.24 22.59 10.83
N VAL A 239 12.08 22.47 11.44
CA VAL A 239 10.88 23.17 10.99
C VAL A 239 10.35 24.04 12.13
N SER A 240 10.47 25.38 11.98
CA SER A 240 10.38 26.17 13.19
C SER A 240 9.06 26.19 13.86
N GLY A 241 7.93 26.00 13.24
CA GLY A 241 6.65 25.96 13.97
C GLY A 241 6.13 24.56 14.31
N ALA A 242 6.97 23.58 13.98
CA ALA A 242 6.46 22.21 14.15
C ALA A 242 6.47 21.84 15.63
N LYS A 243 5.40 21.12 16.05
CA LYS A 243 5.38 20.55 17.40
C LYS A 243 4.58 19.24 17.35
N SER A 244 4.82 18.47 18.37
CA SER A 244 4.04 17.22 18.49
C SER A 244 2.69 17.56 19.16
N SER A 245 1.59 17.13 18.57
CA SER A 245 0.27 17.47 19.16
C SER A 245 -0.45 16.16 19.55
N SER A 246 -0.67 16.11 20.87
CA SER A 246 -1.42 14.97 21.42
C SER A 246 -2.85 14.99 20.94
N SER A 247 -3.44 16.18 20.85
CA SER A 247 -4.84 16.24 20.41
C SER A 247 -4.99 15.78 18.98
N VAL A 248 -4.01 15.97 18.11
CA VAL A 248 -4.39 15.60 16.70
C VAL A 248 -3.74 14.25 16.37
N GLY A 249 -2.73 13.88 17.10
CA GLY A 249 -2.00 12.62 17.18
C GLY A 249 -0.67 12.57 16.44
N GLY A 250 0.07 13.65 16.40
CA GLY A 250 1.35 13.63 15.64
C GLY A 250 1.89 15.04 15.44
N TYR A 251 2.97 15.15 14.73
CA TYR A 251 3.60 16.49 14.51
C TYR A 251 2.74 17.25 13.49
N VAL A 252 2.49 18.45 13.93
CA VAL A 252 1.84 19.46 13.08
C VAL A 252 2.74 20.68 12.97
N PHE A 253 2.51 21.44 11.93
CA PHE A 253 3.33 22.62 11.63
C PHE A 253 2.56 23.61 10.75
N PRO A 254 2.90 24.92 10.77
CA PRO A 254 2.18 25.88 9.95
C PRO A 254 2.28 25.52 8.48
N CYS A 255 1.12 25.51 7.87
CA CYS A 255 0.95 25.15 6.45
C CYS A 255 1.77 26.06 5.56
N SER A 256 2.05 27.24 6.05
CA SER A 256 2.82 28.21 5.28
C SER A 256 4.31 27.90 5.31
N ALA A 257 4.80 26.88 6.07
CA ALA A 257 6.24 26.53 6.07
C ALA A 257 6.66 25.92 4.75
N THR A 258 7.85 26.25 4.26
CA THR A 258 8.52 25.37 3.29
C THR A 258 9.34 24.32 4.04
N LEU A 259 8.96 23.07 3.84
CA LEU A 259 9.58 21.94 4.57
C LEU A 259 10.85 21.42 3.90
N PRO A 260 11.88 20.98 4.67
CA PRO A 260 13.05 20.40 4.07
C PRO A 260 12.71 19.08 3.46
N SER A 261 13.55 18.65 2.55
CA SER A 261 13.39 17.33 1.95
C SER A 261 13.88 16.30 2.97
N PHE A 262 13.58 15.04 2.70
CA PHE A 262 14.02 13.92 3.54
C PHE A 262 14.63 12.83 2.67
N THR A 263 15.86 12.44 2.99
CA THR A 263 16.53 11.47 2.08
C THR A 263 16.66 10.15 2.88
N PHE A 264 16.36 9.05 2.23
CA PHE A 264 16.72 7.76 2.88
C PHE A 264 17.61 6.92 2.01
N GLY A 265 18.44 6.14 2.67
CA GLY A 265 19.42 5.34 1.83
C GLY A 265 18.80 3.98 1.37
N VAL A 266 19.17 3.62 0.15
CA VAL A 266 18.99 2.22 -0.30
C VAL A 266 20.36 1.70 -0.79
N GLY A 267 20.92 0.79 0.01
CA GLY A 267 22.36 0.54 -0.17
C GLY A 267 23.16 1.84 -0.33
N SER A 268 23.91 1.95 -1.42
CA SER A 268 24.70 3.17 -1.67
C SER A 268 23.93 4.28 -2.34
N ALA A 269 22.68 4.06 -2.69
CA ALA A 269 21.91 5.09 -3.41
C ALA A 269 21.13 5.90 -2.37
N ARG A 270 20.55 6.98 -2.81
CA ARG A 270 19.80 7.97 -1.97
C ARG A 270 18.50 8.21 -2.66
N ILE A 271 17.39 8.16 -1.92
CA ILE A 271 16.10 8.58 -2.38
C ILE A 271 15.61 9.85 -1.72
N VAL A 272 15.31 10.84 -2.54
CA VAL A 272 14.98 12.10 -1.85
C VAL A 272 13.48 12.38 -1.94
N ILE A 273 12.87 12.55 -0.78
CA ILE A 273 11.44 12.88 -0.68
C ILE A 273 11.28 14.39 -0.62
N PRO A 274 10.72 15.06 -1.65
CA PRO A 274 10.59 16.50 -1.61
C PRO A 274 9.76 16.94 -0.43
N GLY A 275 10.14 18.09 0.11
CA GLY A 275 9.48 18.70 1.28
C GLY A 275 7.95 18.77 1.10
N ASP A 276 7.53 19.13 -0.10
CA ASP A 276 6.09 19.28 -0.41
C ASP A 276 5.33 17.98 -0.20
N TYR A 277 6.02 16.83 -0.39
CA TYR A 277 5.24 15.59 -0.20
C TYR A 277 4.99 15.36 1.31
N ILE A 278 5.77 15.93 2.19
CA ILE A 278 5.77 15.74 3.63
C ILE A 278 4.77 16.61 4.31
N ASP A 279 4.41 17.67 3.55
CA ASP A 279 3.24 18.52 3.85
C ASP A 279 1.97 17.85 3.38
N PHE A 280 1.43 17.16 4.53
CA PHE A 280 0.42 16.17 4.12
C PHE A 280 -0.92 16.85 3.81
N GLY A 281 -1.31 17.80 4.64
CA GLY A 281 -2.56 18.53 4.40
C GLY A 281 -3.01 19.29 5.64
N PRO A 282 -3.95 20.28 5.53
CA PRO A 282 -4.38 21.01 6.70
C PRO A 282 -5.10 20.07 7.60
N ILE A 283 -5.08 20.32 8.89
CA ILE A 283 -5.74 19.37 9.80
C ILE A 283 -7.27 19.47 9.72
N SER A 284 -7.72 20.60 9.23
CA SER A 284 -9.15 20.90 9.02
C SER A 284 -9.29 21.76 7.78
N THR A 285 -10.27 21.78 6.84
CA THR A 285 -10.20 22.80 5.72
C THR A 285 -10.21 24.20 6.32
N GLY A 286 -9.36 25.08 5.85
CA GLY A 286 -9.30 26.46 6.35
C GLY A 286 -8.33 26.62 7.51
N SER A 287 -7.76 25.50 7.98
CA SER A 287 -6.78 25.61 9.09
C SER A 287 -5.46 26.16 8.59
N SER A 288 -4.82 26.80 9.59
CA SER A 288 -3.46 27.19 9.25
C SER A 288 -2.45 26.21 9.77
N SER A 289 -2.89 25.12 10.37
CA SER A 289 -1.98 24.06 10.85
C SER A 289 -2.15 22.85 9.89
N CYS A 290 -1.01 22.28 9.60
CA CYS A 290 -0.99 21.15 8.67
C CYS A 290 -0.37 19.94 9.38
N PHE A 291 -0.79 18.79 8.88
CA PHE A 291 -0.38 17.51 9.53
C PHE A 291 0.88 17.01 8.82
N GLY A 292 1.85 16.54 9.60
CA GLY A 292 3.05 16.14 8.80
C GLY A 292 3.00 14.73 8.23
N GLY A 293 3.78 14.54 7.20
CA GLY A 293 3.75 13.26 6.50
C GLY A 293 4.81 12.26 7.03
N ILE A 294 5.74 12.64 7.89
CA ILE A 294 6.64 11.74 8.61
C ILE A 294 6.29 11.75 10.10
N GLN A 295 5.99 10.59 10.65
CA GLN A 295 5.52 10.46 12.00
C GLN A 295 6.28 9.35 12.74
N SER A 296 6.17 9.33 14.04
CA SER A 296 6.90 8.32 14.83
C SER A 296 6.27 6.93 14.73
N SER A 297 7.11 5.89 14.51
CA SER A 297 6.72 4.47 14.45
C SER A 297 6.66 3.87 15.87
N ALA A 298 6.92 4.61 16.94
CA ALA A 298 7.06 3.99 18.27
C ALA A 298 5.80 3.26 18.68
N GLY A 299 4.69 3.91 18.42
CA GLY A 299 3.39 3.33 18.77
C GLY A 299 2.98 2.13 17.93
N ILE A 300 3.37 1.99 16.69
CA ILE A 300 3.20 0.97 15.68
C ILE A 300 4.05 -0.27 15.90
N GLY A 301 5.29 -0.19 16.33
CA GLY A 301 6.09 -1.38 16.53
C GLY A 301 6.98 -1.67 15.33
N ILE A 302 6.66 -1.06 14.19
CA ILE A 302 7.55 -1.30 13.05
C ILE A 302 7.59 -0.02 12.17
N ASN A 303 8.72 0.00 11.50
CA ASN A 303 8.93 1.22 10.69
C ASN A 303 8.24 0.98 9.32
N ILE A 304 7.56 1.97 8.79
CA ILE A 304 6.72 1.69 7.60
C ILE A 304 7.03 2.77 6.54
N PHE A 305 7.56 2.34 5.43
CA PHE A 305 7.77 3.22 4.23
C PHE A 305 6.45 3.12 3.45
N GLY A 306 5.53 3.99 3.85
CA GLY A 306 4.19 4.15 3.25
C GLY A 306 4.19 5.10 2.09
N ASP A 307 3.01 5.52 1.69
CA ASP A 307 2.87 6.15 0.33
C ASP A 307 3.70 7.43 0.29
N VAL A 308 3.88 8.18 1.35
CA VAL A 308 4.68 9.43 1.25
C VAL A 308 6.09 9.14 0.77
N ALA A 309 6.67 8.04 1.21
CA ALA A 309 7.98 7.65 0.68
C ALA A 309 7.86 6.94 -0.66
N LEU A 310 6.94 5.98 -0.83
CA LEU A 310 7.02 5.23 -2.10
C LEU A 310 6.68 6.12 -3.29
N LYS A 311 5.80 7.11 -3.16
CA LYS A 311 5.41 7.93 -4.31
C LYS A 311 6.58 8.85 -4.72
N ALA A 312 7.64 8.96 -3.98
CA ALA A 312 8.83 9.71 -4.44
C ALA A 312 9.72 8.86 -5.29
N ALA A 313 9.42 7.58 -5.48
CA ALA A 313 10.35 6.65 -6.19
C ALA A 313 9.55 5.75 -7.14
N PHE A 314 10.34 5.11 -8.01
CA PHE A 314 9.79 3.99 -8.82
C PHE A 314 10.24 2.71 -8.06
N VAL A 315 9.30 1.85 -7.71
CA VAL A 315 9.73 0.72 -6.77
C VAL A 315 9.40 -0.59 -7.46
N VAL A 316 10.41 -1.44 -7.38
CA VAL A 316 10.25 -2.73 -8.10
C VAL A 316 10.18 -3.83 -7.01
N PHE A 317 9.05 -4.53 -6.99
CA PHE A 317 8.90 -5.70 -6.07
C PHE A 317 9.30 -6.95 -6.87
N ASN A 318 10.58 -7.35 -6.61
CA ASN A 318 11.10 -8.48 -7.39
C ASN A 318 10.77 -9.79 -6.72
N GLY A 319 9.87 -10.61 -7.20
CA GLY A 319 9.35 -11.76 -6.45
C GLY A 319 9.96 -13.07 -7.01
N ALA A 320 11.18 -13.03 -7.51
CA ALA A 320 12.06 -14.20 -7.72
C ALA A 320 12.15 -15.00 -6.43
N THR A 321 12.82 -16.20 -6.52
CA THR A 321 12.81 -17.12 -5.39
C THR A 321 13.51 -16.47 -4.19
N THR A 322 14.48 -15.62 -4.48
CA THR A 322 15.11 -14.78 -3.44
C THR A 322 14.63 -13.37 -3.75
N PRO A 323 13.59 -12.85 -3.07
CA PRO A 323 13.04 -11.57 -3.45
C PRO A 323 13.96 -10.44 -3.12
N THR A 324 13.75 -9.35 -3.82
CA THR A 324 14.47 -8.11 -3.56
C THR A 324 13.54 -6.95 -3.88
N LEU A 325 13.94 -5.80 -3.39
CA LEU A 325 13.21 -4.54 -3.57
C LEU A 325 14.11 -3.54 -4.29
N GLY A 326 13.68 -3.01 -5.43
CA GLY A 326 14.43 -2.05 -6.20
C GLY A 326 13.80 -0.66 -6.05
N PHE A 327 14.63 0.36 -5.94
CA PHE A 327 14.23 1.80 -5.89
C PHE A 327 15.05 2.57 -6.96
N ALA A 328 14.32 3.38 -7.68
CA ALA A 328 15.00 4.40 -8.57
C ALA A 328 14.30 5.75 -8.32
N SER A 329 15.06 6.80 -8.46
CA SER A 329 14.48 8.17 -8.61
C SER A 329 13.60 8.28 -9.81
N LYS A 330 12.64 9.21 -9.69
CA LYS A 330 11.86 9.51 -10.89
C LYS A 330 11.56 11.00 -10.94
O1 BOC B 1 -7.37 12.93 8.38
C BOC B 1 -6.75 12.94 7.33
O2 BOC B 1 -5.96 13.94 6.76
CT BOC B 1 -5.71 15.20 7.44
C1 BOC B 1 -7.09 15.83 7.66
C2 BOC B 1 -4.86 16.01 6.47
C3 BOC B 1 -5.01 15.07 8.77
N HIS B 2 -6.71 11.86 6.50
CA HIS B 2 -7.50 10.64 6.81
C HIS B 2 -6.64 9.41 6.47
N PRO B 3 -5.51 9.37 7.36
CA PRO B 3 -4.58 8.41 6.79
C PRO B 3 -4.99 6.96 7.06
N PHE B 4 -4.42 6.09 6.21
CA PHE B 4 -4.78 4.67 6.25
C PHE B 4 -3.60 3.88 6.85
N HIS B 5 -3.91 2.78 7.52
CA HIS B 5 -2.75 1.96 8.00
C HIS B 5 -3.13 0.49 7.77
CD1 LOV B 6 -6.52 -1.11 6.28
CD2 LOV B 6 -6.30 -0.33 3.87
C1G LOV B 6 -5.62 -0.52 5.22
C1B LOV B 6 -4.29 -1.28 5.00
CA LOV B 6 -3.41 -1.41 6.24
CS LOV B 6 -2.23 -2.38 6.03
N LOV B 6 -2.85 -0.06 6.58
OS LOV B 6 -1.48 -2.04 4.90
CT LOV B 6 -1.30 -2.36 7.28
C1 LOV B 6 -0.61 -3.70 7.50
CB LOV B 6 0.66 -3.55 8.36
CG1 LOV B 6 0.39 -2.69 9.63
CG2 LOV B 6 1.80 -2.92 7.59
C LOV B 6 -1.57 -4.65 8.19
O LOV B 6 -2.41 -4.25 8.99
N ILE B 7 -1.40 -5.90 7.85
CA ILE B 7 -2.11 -6.89 8.68
C ILE B 7 -1.66 -6.93 10.10
N HIS B 8 -2.51 -7.05 11.12
CA HIS B 8 -2.10 -7.20 12.45
C HIS B 8 -2.48 -8.48 13.13
S SO4 C . 18.80 -0.34 -14.63
O1 SO4 C . 18.92 -0.30 -13.14
O2 SO4 C . 20.19 -0.47 -15.21
O3 SO4 C . 18.06 0.77 -15.32
O4 SO4 C . 18.08 -1.64 -14.89
S SO4 D . -16.74 -2.11 13.98
O1 SO4 D . -15.50 -2.91 14.15
O2 SO4 D . -17.44 -2.04 15.32
O3 SO4 D . -17.64 -2.85 13.02
O4 SO4 D . -16.44 -0.78 13.32
S SO4 E . -11.37 -22.95 10.79
O1 SO4 E . -11.06 -21.61 11.36
O2 SO4 E . -12.86 -23.11 10.65
O3 SO4 E . -10.86 -23.95 11.80
O4 SO4 E . -10.80 -23.31 9.45
#